data_8OSI
#
_entry.id   8OSI
#
_cell.length_a   151.400
_cell.length_b   151.400
_cell.length_c   61.969
_cell.angle_alpha   90.00
_cell.angle_beta   90.00
_cell.angle_gamma   120.00
#
_symmetry.space_group_name_H-M   'P 32 2 1'
#
loop_
_entity.id
_entity.type
_entity.pdbx_description
1 polymer 'mNeonGreen,Calmodulin,Contig An16c0100, genomic contig'
2 non-polymer 'CALCIUM ION'
3 water water
#
_entity_poly.entity_id   1
_entity_poly.type   'polypeptide(L)'
_entity_poly.pdbx_seq_one_letter_code
;MGGSHHHHHHGMASMTGGQQMGRDLYDDDDKENLYFQGHMRSMVSKGEEENMASLPATHELHIFGSINGIDFDMVGQGTG
NPNDGYEELNLKSTMGDLQFSPWILVPHI(CR2)FHQYLPYPDGMSPFQAAMVDGSGYQVHRTMQFEDGATLTVNYRYTY
EGSHIKGEAQVEGTGFPADGPVMTNSLTAEAQMADSLTEEQVSEYKELFSLFDLDGDGQITTKELGTVMRSLDLNPSESE
LQDMINEVDAGGDGTIDFPEFLTMMTREMKYRDTEEEIRELCKVFDRDNDGFIVAAELRHAMTSIGEELTDDEVDEMIRE
ADQDGDGRIDYNEFVQLKMQKGGGGSGGSGMRRLLKKAIDTVRAINRLREGMYFADWCVSKKTCPDDKTIVSTLKWAFIT
DNGKRYRSTARTTYTFAKPMAANYLKNQPMYVFRKTELIHSKTELNFKEWQKAFTDGMGMDELYK
;
_entity_poly.pdbx_strand_id   A
#
loop_
_chem_comp.id
_chem_comp.type
_chem_comp.name
_chem_comp.formula
CA non-polymer 'CALCIUM ION' 'Ca 2'
#
# COMPACT_ATOMS: atom_id res chain seq x y z
N SER A 54 33.51 -6.56 5.54
CA SER A 54 32.56 -6.57 4.39
C SER A 54 31.05 -6.50 4.78
N LEU A 55 30.12 -7.11 4.00
CA LEU A 55 28.66 -6.88 4.05
C LEU A 55 28.06 -7.28 5.39
N PRO A 56 26.86 -6.73 5.78
CA PRO A 56 26.25 -7.09 7.07
C PRO A 56 25.47 -8.40 7.07
N ALA A 57 25.41 -9.04 8.25
CA ALA A 57 24.56 -10.23 8.48
C ALA A 57 23.62 -10.00 9.66
N THR A 58 24.11 -9.36 10.74
CA THR A 58 23.27 -9.08 11.89
C THR A 58 23.33 -7.57 12.26
N HIS A 59 22.36 -7.12 13.08
CA HIS A 59 22.39 -5.75 13.58
C HIS A 59 21.70 -5.63 14.93
N GLU A 60 21.89 -4.45 15.56
CA GLU A 60 21.08 -4.04 16.67
C GLU A 60 20.79 -2.54 16.60
N LEU A 61 19.75 -2.19 17.36
CA LEU A 61 19.15 -0.89 17.33
C LEU A 61 18.92 -0.48 18.75
N HIS A 62 19.42 0.71 19.07
CA HIS A 62 18.97 1.50 20.19
C HIS A 62 18.22 2.71 19.64
N ILE A 63 16.90 2.64 19.83
CA ILE A 63 15.97 3.68 19.39
C ILE A 63 15.31 4.26 20.62
N PHE A 64 15.32 5.61 20.71
CA PHE A 64 14.88 6.31 21.91
C PHE A 64 14.54 7.76 21.56
N GLY A 65 13.95 8.44 22.53
CA GLY A 65 13.61 9.85 22.42
C GLY A 65 12.25 10.04 23.05
N SER A 66 11.36 10.82 22.38
CA SER A 66 10.04 11.12 22.91
C SER A 66 9.01 11.37 21.82
N ILE A 67 7.76 11.03 22.15
CA ILE A 67 6.59 11.27 21.32
C ILE A 67 5.65 12.10 22.20
N ASN A 68 5.42 13.38 21.83
CA ASN A 68 4.55 14.32 22.56
C ASN A 68 5.02 14.42 24.01
N GLY A 69 6.33 14.34 24.17
CA GLY A 69 6.93 14.49 25.49
C GLY A 69 6.88 13.20 26.33
N ILE A 70 6.42 12.07 25.79
CA ILE A 70 6.55 10.78 26.46
C ILE A 70 7.82 10.12 25.97
N ASP A 71 8.75 9.98 26.89
CA ASP A 71 10.03 9.31 26.74
C ASP A 71 9.85 7.81 26.48
N PHE A 72 10.75 7.25 25.69
CA PHE A 72 10.78 5.82 25.42
C PHE A 72 12.22 5.44 25.09
N ASP A 73 12.48 4.12 25.20
CA ASP A 73 13.82 3.57 25.04
C ASP A 73 13.64 2.10 24.70
N MET A 74 14.16 1.66 23.56
CA MET A 74 14.06 0.25 23.16
C MET A 74 15.38 -0.17 22.55
N VAL A 75 15.72 -1.46 22.77
CA VAL A 75 16.92 -2.13 22.29
C VAL A 75 16.45 -3.50 21.84
N GLY A 76 17.27 -4.10 20.96
CA GLY A 76 17.07 -5.47 20.49
C GLY A 76 18.00 -5.76 19.31
N GLN A 77 17.89 -7.00 18.84
CA GLN A 77 18.78 -7.66 17.89
C GLN A 77 17.96 -8.06 16.69
N GLY A 78 18.61 -8.05 15.52
CA GLY A 78 18.02 -8.57 14.30
C GLY A 78 19.07 -9.08 13.31
N THR A 79 18.55 -9.46 12.15
CA THR A 79 19.37 -10.08 11.11
C THR A 79 18.84 -9.55 9.78
N GLY A 80 19.61 -9.84 8.71
CA GLY A 80 19.02 -9.74 7.39
C GLY A 80 20.00 -10.20 6.31
N ASN A 81 19.50 -10.13 5.10
CA ASN A 81 20.18 -10.63 3.93
C ASN A 81 20.61 -9.48 3.02
N PRO A 82 21.93 -9.27 2.87
CA PRO A 82 22.49 -8.22 2.02
C PRO A 82 22.29 -8.43 0.52
N ASN A 83 21.72 -9.59 0.13
CA ASN A 83 21.54 -9.94 -1.28
C ASN A 83 20.14 -9.69 -1.75
N ASP A 84 19.16 -9.58 -0.83
CA ASP A 84 17.82 -9.27 -1.34
C ASP A 84 17.14 -8.15 -0.55
N GLY A 85 17.86 -7.58 0.43
CA GLY A 85 17.33 -6.49 1.25
C GLY A 85 16.34 -6.87 2.35
N TYR A 86 16.25 -8.14 2.74
CA TYR A 86 15.32 -8.50 3.79
C TYR A 86 15.98 -8.26 5.13
N GLU A 87 15.17 -7.82 6.11
CA GLU A 87 15.65 -7.59 7.47
C GLU A 87 14.58 -8.08 8.43
N GLU A 88 15.03 -8.42 9.63
CA GLU A 88 14.09 -8.56 10.75
C GLU A 88 14.79 -8.14 12.03
N LEU A 89 13.96 -7.60 12.93
CA LEU A 89 14.44 -6.99 14.15
C LEU A 89 13.44 -7.31 15.27
N ASN A 90 13.99 -7.55 16.46
CA ASN A 90 13.16 -7.66 17.63
C ASN A 90 13.56 -6.51 18.54
N LEU A 91 12.59 -5.85 19.18
CA LEU A 91 12.97 -4.81 20.15
C LEU A 91 12.13 -5.00 21.39
N LYS A 92 12.66 -4.58 22.56
CA LYS A 92 12.01 -4.54 23.88
C LYS A 92 12.25 -3.18 24.53
N SER A 93 11.21 -2.68 25.24
CA SER A 93 11.23 -1.49 26.08
C SER A 93 12.19 -1.68 27.27
N THR A 94 12.98 -0.68 27.62
CA THR A 94 13.83 -0.65 28.79
C THR A 94 13.22 0.35 29.78
N MET A 95 11.95 0.67 29.67
CA MET A 95 11.45 1.89 30.28
C MET A 95 9.89 1.89 30.32
N GLY A 96 9.28 0.72 30.66
CA GLY A 96 7.82 0.64 30.83
C GLY A 96 7.05 0.25 29.55
N ASP A 97 5.71 0.24 29.66
CA ASP A 97 4.82 -0.07 28.52
C ASP A 97 4.77 1.13 27.55
N LEU A 98 4.79 0.87 26.23
CA LEU A 98 4.64 1.98 25.30
C LEU A 98 3.31 2.68 25.50
N GLN A 99 3.33 4.02 25.67
CA GLN A 99 2.09 4.77 25.85
C GLN A 99 1.54 5.42 24.56
N PHE A 100 2.00 4.94 23.37
CA PHE A 100 1.50 5.45 22.09
C PHE A 100 1.60 4.30 21.11
N SER A 101 1.02 4.46 19.92
CA SER A 101 1.07 3.41 18.92
C SER A 101 2.49 3.06 18.59
N PRO A 102 2.86 1.80 18.81
CA PRO A 102 4.19 1.34 18.44
C PRO A 102 4.42 1.45 16.94
N TRP A 103 3.32 1.46 16.20
CA TRP A 103 3.45 1.70 14.77
C TRP A 103 4.19 3.02 14.42
N ILE A 104 4.20 4.14 15.25
CA ILE A 104 5.00 5.32 14.90
C ILE A 104 6.47 4.98 14.79
N LEU A 105 6.92 3.79 15.23
CA LEU A 105 8.36 3.52 15.07
C LEU A 105 8.68 2.92 13.71
N VAL A 106 7.58 2.74 12.97
CA VAL A 106 7.68 2.15 11.63
C VAL A 106 7.48 3.29 10.61
N PRO A 107 8.28 3.52 9.54
CA PRO A 107 9.41 2.65 9.15
C PRO A 107 10.76 2.89 9.80
N HIS A 108 10.84 3.73 10.85
CA HIS A 108 12.17 4.13 11.33
C HIS A 108 12.97 2.94 11.84
N ILE A 109 12.33 1.85 12.33
CA ILE A 109 13.19 0.80 12.89
C ILE A 109 13.92 0.04 11.77
N1 CR2 A 110 13.62 0.21 10.41
CA1 CR2 A 110 14.45 -0.48 9.40
C1 CR2 A 110 14.66 0.59 8.39
N2 CR2 A 110 13.75 0.77 7.45
N3 CR2 A 110 15.55 1.68 8.50
C2 CR2 A 110 15.07 2.68 7.65
O2 CR2 A 110 15.51 3.81 7.53
CA2 CR2 A 110 13.95 2.07 6.92
CA3 CR2 A 110 16.49 1.92 9.57
C3 CR2 A 110 17.85 1.48 9.05
O3 CR2 A 110 18.82 1.86 9.71
CB2 CR2 A 110 13.35 2.75 5.93
CG2 CR2 A 110 12.13 2.59 5.19
CD1 CR2 A 110 11.70 3.61 4.31
CD2 CR2 A 110 11.31 1.45 5.33
CE1 CR2 A 110 10.49 3.46 3.61
CE2 CR2 A 110 10.13 1.28 4.61
CZ CR2 A 110 9.70 2.30 3.77
OH CR2 A 110 8.53 2.08 3.11
N PHE A 111 18.11 0.40 8.22
CA PHE A 111 19.38 -0.30 7.97
C PHE A 111 19.48 -0.56 6.46
N HIS A 112 19.76 0.50 5.68
CA HIS A 112 19.83 0.37 4.22
C HIS A 112 21.13 -0.30 3.85
N GLN A 113 22.02 -0.55 4.82
CA GLN A 113 23.19 -1.37 4.49
C GLN A 113 22.80 -2.80 4.06
N TYR A 114 21.53 -3.21 4.25
CA TYR A 114 21.08 -4.51 3.74
C TYR A 114 20.58 -4.41 2.29
N LEU A 115 20.50 -3.19 1.71
CA LEU A 115 19.88 -2.98 0.41
C LEU A 115 20.93 -3.08 -0.69
N PRO A 116 20.82 -4.07 -1.59
CA PRO A 116 21.59 -4.09 -2.84
C PRO A 116 20.94 -3.18 -3.90
N TYR A 117 21.72 -2.71 -4.91
CA TYR A 117 21.16 -2.08 -6.11
C TYR A 117 20.99 -3.10 -7.25
N PRO A 118 20.32 -2.78 -8.40
CA PRO A 118 20.14 -3.75 -9.51
C PRO A 118 21.39 -4.49 -10.00
N ASP A 119 22.51 -3.76 -9.95
CA ASP A 119 23.71 -3.91 -10.75
C ASP A 119 24.92 -4.00 -9.81
N GLY A 120 24.67 -4.22 -8.50
CA GLY A 120 25.71 -4.37 -7.50
C GLY A 120 25.30 -3.78 -6.15
N MET A 121 26.31 -3.33 -5.37
CA MET A 121 26.11 -2.73 -4.06
C MET A 121 25.39 -1.37 -4.16
N SER A 122 24.59 -1.04 -3.13
CA SER A 122 24.00 0.29 -3.01
C SER A 122 25.03 1.21 -2.34
N PRO A 123 24.90 2.55 -2.47
CA PRO A 123 25.83 3.47 -1.80
C PRO A 123 25.93 3.19 -0.30
N PHE A 124 24.76 2.81 0.26
CA PHE A 124 24.66 2.40 1.66
C PHE A 124 25.59 1.19 1.93
N GLN A 125 25.57 0.15 1.10
CA GLN A 125 26.52 -0.92 1.40
C GLN A 125 27.96 -0.48 1.15
N ALA A 126 28.22 0.19 0.02
CA ALA A 126 29.60 0.59 -0.33
C ALA A 126 30.29 1.31 0.81
N ALA A 127 29.50 2.22 1.41
CA ALA A 127 29.92 3.01 2.54
C ALA A 127 30.00 2.20 3.85
N MET A 128 29.30 1.07 3.96
CA MET A 128 29.62 0.17 5.06
C MET A 128 30.92 -0.60 4.79
N VAL A 129 31.02 -1.17 3.59
CA VAL A 129 32.13 -2.05 3.24
C VAL A 129 33.49 -1.37 3.45
N ASP A 130 33.65 -0.12 3.00
CA ASP A 130 34.93 0.56 3.09
C ASP A 130 35.12 1.30 4.41
N GLY A 131 34.13 1.25 5.31
CA GLY A 131 34.22 1.83 6.66
C GLY A 131 33.94 3.33 6.69
N SER A 132 33.62 3.95 5.55
CA SER A 132 33.55 5.40 5.58
C SER A 132 32.23 5.92 6.16
N GLY A 133 31.13 5.15 6.06
CA GLY A 133 29.89 5.49 6.79
C GLY A 133 29.03 6.63 6.18
N TYR A 134 27.85 6.79 6.78
CA TYR A 134 26.87 7.81 6.45
C TYR A 134 26.07 8.09 7.70
N GLN A 135 25.57 9.32 7.80
CA GLN A 135 24.65 9.71 8.86
C GLN A 135 23.30 9.95 8.22
N VAL A 136 22.22 9.87 9.01
CA VAL A 136 20.89 9.97 8.43
C VAL A 136 20.10 10.98 9.25
N HIS A 137 19.38 11.86 8.55
CA HIS A 137 18.38 12.73 9.14
C HIS A 137 17.04 12.52 8.42
N ARG A 138 15.94 12.30 9.15
CA ARG A 138 14.63 12.09 8.54
C ARG A 138 13.61 12.96 9.25
N THR A 139 12.77 13.66 8.50
CA THR A 139 11.63 14.39 9.06
C THR A 139 10.45 13.84 8.27
N MET A 140 9.38 13.70 9.01
CA MET A 140 8.16 13.15 8.49
C MET A 140 7.04 14.07 8.98
N GLN A 141 6.19 14.54 8.04
CA GLN A 141 5.07 15.43 8.33
C GLN A 141 3.77 14.64 8.16
N PHE A 142 2.86 14.75 9.17
CA PHE A 142 1.60 14.00 9.18
C PHE A 142 0.39 14.84 8.77
N GLU A 143 -0.61 14.14 8.20
CA GLU A 143 -1.81 14.77 7.67
C GLU A 143 -2.49 15.68 8.68
N ASP A 144 -2.27 15.45 9.98
CA ASP A 144 -2.98 16.16 11.01
C ASP A 144 -2.09 17.24 11.60
N GLY A 145 -0.94 17.56 10.98
CA GLY A 145 -0.07 18.61 11.52
C GLY A 145 1.10 18.18 12.42
N ALA A 146 1.24 16.88 12.82
CA ALA A 146 2.34 16.37 13.65
C ALA A 146 3.64 16.26 12.83
N THR A 147 4.78 16.25 13.52
CA THR A 147 6.06 16.05 12.89
C THR A 147 6.88 15.08 13.72
N LEU A 148 7.73 14.35 13.03
CA LEU A 148 8.63 13.45 13.69
C LEU A 148 9.97 13.62 13.00
N THR A 149 11.02 13.75 13.82
CA THR A 149 12.42 13.76 13.38
C THR A 149 13.11 12.52 13.95
N VAL A 150 13.97 11.90 13.13
CA VAL A 150 14.79 10.81 13.58
C VAL A 150 16.21 11.09 13.10
N ASN A 151 17.25 10.94 13.94
CA ASN A 151 18.65 11.01 13.52
C ASN A 151 19.35 9.68 13.84
N TYR A 152 20.23 9.24 12.94
CA TYR A 152 20.86 7.92 13.02
C TYR A 152 22.37 8.05 12.89
N ARG A 153 23.07 7.20 13.66
CA ARG A 153 24.52 7.00 13.60
C ARG A 153 24.69 5.50 13.75
N TYR A 154 25.66 5.00 13.02
CA TYR A 154 26.00 3.60 12.90
C TYR A 154 27.47 3.40 13.24
N THR A 155 27.80 2.27 13.89
CA THR A 155 29.14 1.68 14.04
C THR A 155 29.11 0.25 13.47
N TYR A 156 30.24 -0.23 12.93
CA TYR A 156 30.44 -1.54 12.33
C TYR A 156 31.55 -2.31 13.05
N GLU A 157 31.27 -3.60 13.32
CA GLU A 157 32.25 -4.59 13.76
C GLU A 157 32.07 -5.83 12.90
N GLY A 158 33.00 -5.94 11.92
CA GLY A 158 32.85 -6.87 10.80
C GLY A 158 31.48 -6.78 10.15
N SER A 159 30.61 -7.78 10.39
CA SER A 159 29.37 -7.95 9.64
C SER A 159 28.15 -7.59 10.51
N HIS A 160 28.44 -7.05 11.69
CA HIS A 160 27.45 -6.60 12.63
C HIS A 160 27.39 -5.05 12.65
N ILE A 161 26.16 -4.49 12.57
CA ILE A 161 25.85 -3.05 12.57
C ILE A 161 25.21 -2.74 13.92
N LYS A 162 25.75 -1.72 14.62
CA LYS A 162 25.08 -1.10 15.76
C LYS A 162 24.53 0.25 15.33
N GLY A 163 23.21 0.37 15.39
CA GLY A 163 22.55 1.64 15.12
C GLY A 163 22.03 2.37 16.36
N GLU A 164 22.05 3.68 16.30
CA GLU A 164 21.58 4.56 17.32
C GLU A 164 20.58 5.46 16.61
N ALA A 165 19.32 5.42 17.01
CA ALA A 165 18.35 6.30 16.43
C ALA A 165 17.63 7.10 17.51
N GLN A 166 17.68 8.41 17.34
CA GLN A 166 17.12 9.37 18.26
C GLN A 166 15.89 10.02 17.59
N VAL A 167 14.75 9.98 18.30
CA VAL A 167 13.44 10.27 17.78
C VAL A 167 12.88 11.48 18.50
N GLU A 168 12.24 12.38 17.73
CA GLU A 168 11.43 13.39 18.37
C GLU A 168 10.17 13.66 17.55
N GLY A 169 9.00 13.34 18.15
CA GLY A 169 7.72 13.59 17.54
C GLY A 169 6.89 14.55 18.39
N THR A 170 6.08 15.43 17.78
CA THR A 170 5.32 16.41 18.58
C THR A 170 4.09 16.75 17.76
N GLY A 171 3.10 17.37 18.44
CA GLY A 171 1.82 17.78 17.88
C GLY A 171 0.88 16.62 17.45
N PHE A 172 1.10 15.37 17.92
CA PHE A 172 0.09 14.31 17.68
C PHE A 172 -1.17 14.69 18.44
N PRO A 173 -2.38 14.75 17.83
CA PRO A 173 -3.58 15.16 18.58
C PRO A 173 -3.86 14.15 19.70
N ALA A 174 -4.22 14.63 20.92
CA ALA A 174 -4.41 13.75 22.09
C ALA A 174 -5.45 12.65 21.86
N ASP A 175 -6.40 12.88 20.97
CA ASP A 175 -7.41 11.86 20.67
C ASP A 175 -7.22 11.22 19.28
N GLY A 176 -6.08 11.45 18.62
CA GLY A 176 -5.84 10.83 17.33
C GLY A 176 -5.28 9.41 17.44
N PRO A 177 -5.09 8.73 16.30
CA PRO A 177 -4.73 7.32 16.28
C PRO A 177 -3.38 6.95 16.87
N VAL A 178 -2.45 7.92 16.88
CA VAL A 178 -1.12 7.69 17.42
C VAL A 178 -1.17 7.52 18.95
N MET A 179 -1.79 8.49 19.60
CA MET A 179 -1.91 8.59 21.05
C MET A 179 -2.99 7.64 21.58
N THR A 180 -3.97 7.27 20.77
CA THR A 180 -4.99 6.38 21.32
C THR A 180 -4.74 4.95 20.84
N ASN A 181 -3.55 4.66 20.34
CA ASN A 181 -3.13 3.29 20.06
C ASN A 181 -4.06 2.61 19.05
N SER A 182 -4.54 3.37 18.04
CA SER A 182 -5.50 2.89 17.05
C SER A 182 -4.89 2.58 15.67
N LEU A 183 -3.56 2.52 15.49
CA LEU A 183 -3.05 2.08 14.18
C LEU A 183 -2.99 0.56 14.21
N THR A 184 -2.93 -0.11 13.06
CA THR A 184 -3.05 -1.58 13.03
C THR A 184 -2.52 -2.12 11.69
N ALA A 185 -2.26 -3.44 11.59
CA ALA A 185 -1.94 -4.15 10.34
C ALA A 185 -3.17 -4.21 9.42
N GLU A 186 -4.33 -4.43 10.07
CA GLU A 186 -5.61 -4.79 9.47
C GLU A 186 -6.70 -4.39 10.49
N ALA A 187 -7.65 -3.57 9.98
CA ALA A 187 -8.80 -2.99 10.67
C ALA A 187 -9.65 -4.06 11.37
N GLN A 188 -10.39 -3.63 12.42
CA GLN A 188 -11.62 -4.27 12.82
C GLN A 188 -12.63 -4.08 11.70
N MET A 189 -13.39 -5.15 11.45
CA MET A 189 -14.22 -5.43 10.27
C MET A 189 -13.59 -6.58 9.50
N ALA A 190 -12.24 -6.64 9.43
CA ALA A 190 -11.53 -7.52 8.49
C ALA A 190 -11.98 -8.98 8.66
N ASP A 191 -12.42 -9.57 7.54
CA ASP A 191 -12.92 -10.95 7.40
C ASP A 191 -14.37 -11.12 7.86
N SER A 192 -15.07 -10.03 8.24
CA SER A 192 -16.50 -10.06 8.59
C SER A 192 -17.40 -9.73 7.38
N LEU A 193 -18.29 -10.69 7.05
CA LEU A 193 -19.11 -10.69 5.86
C LEU A 193 -20.53 -11.10 6.22
N THR A 194 -21.53 -10.30 5.78
CA THR A 194 -22.94 -10.70 5.80
C THR A 194 -23.21 -11.76 4.73
N GLU A 195 -24.39 -12.38 4.80
CA GLU A 195 -24.75 -13.36 3.79
C GLU A 195 -24.89 -12.65 2.45
N GLU A 196 -25.24 -11.37 2.52
CA GLU A 196 -25.47 -10.61 1.31
C GLU A 196 -24.13 -10.36 0.62
N GLN A 197 -23.11 -9.95 1.41
CA GLN A 197 -21.81 -9.71 0.81
C GLN A 197 -21.25 -11.01 0.22
N VAL A 198 -21.50 -12.15 0.89
CA VAL A 198 -20.99 -13.43 0.42
C VAL A 198 -21.66 -13.76 -0.91
N SER A 199 -22.96 -13.42 -1.06
CA SER A 199 -23.68 -13.66 -2.32
C SER A 199 -23.11 -12.81 -3.45
N GLU A 200 -22.96 -11.51 -3.18
CA GLU A 200 -22.48 -10.57 -4.17
C GLU A 200 -21.14 -11.08 -4.70
N TYR A 201 -20.26 -11.49 -3.76
CA TYR A 201 -18.95 -12.02 -4.12
C TYR A 201 -19.00 -13.29 -4.99
N LYS A 202 -19.98 -14.17 -4.72
CA LYS A 202 -20.20 -15.40 -5.46
C LYS A 202 -20.73 -15.10 -6.85
N GLU A 203 -21.71 -14.19 -6.94
CA GLU A 203 -22.18 -13.61 -8.20
C GLU A 203 -21.01 -13.04 -9.02
N LEU A 204 -20.15 -12.25 -8.37
CA LEU A 204 -19.05 -11.57 -9.04
C LEU A 204 -18.08 -12.63 -9.53
N PHE A 205 -17.79 -13.62 -8.68
CA PHE A 205 -16.97 -14.73 -9.16
C PHE A 205 -17.57 -15.34 -10.43
N SER A 206 -18.91 -15.58 -10.48
CA SER A 206 -19.57 -16.28 -11.58
C SER A 206 -19.33 -15.56 -12.89
N LEU A 207 -19.58 -14.23 -12.92
CA LEU A 207 -19.28 -13.33 -14.05
C LEU A 207 -17.88 -13.59 -14.63
N PHE A 208 -16.86 -13.85 -13.76
CA PHE A 208 -15.49 -14.11 -14.23
C PHE A 208 -15.28 -15.55 -14.65
N ASP A 209 -15.83 -16.48 -13.88
CA ASP A 209 -15.66 -17.88 -14.19
C ASP A 209 -16.70 -18.30 -15.24
N LEU A 210 -16.35 -18.02 -16.51
CA LEU A 210 -17.19 -18.08 -17.69
C LEU A 210 -17.77 -19.49 -17.93
N ASP A 211 -16.95 -20.55 -17.83
CA ASP A 211 -17.40 -21.94 -18.01
C ASP A 211 -18.23 -22.45 -16.81
N GLY A 212 -17.95 -21.95 -15.60
CA GLY A 212 -18.61 -22.40 -14.40
C GLY A 212 -17.79 -23.48 -13.68
N ASP A 213 -16.49 -23.64 -14.00
CA ASP A 213 -15.68 -24.77 -13.59
C ASP A 213 -15.13 -24.56 -12.16
N GLY A 214 -15.56 -23.46 -11.50
CA GLY A 214 -15.07 -22.99 -10.21
C GLY A 214 -13.64 -22.38 -10.16
N GLN A 215 -12.99 -22.15 -11.32
CA GLN A 215 -11.65 -21.58 -11.47
C GLN A 215 -11.63 -20.42 -12.49
N ILE A 216 -10.98 -19.31 -12.16
CA ILE A 216 -10.81 -18.18 -13.09
C ILE A 216 -9.83 -18.45 -14.21
N THR A 217 -8.51 -18.55 -14.03
CA THR A 217 -7.69 -18.72 -15.30
C THR A 217 -7.53 -17.51 -16.27
N THR A 218 -6.37 -17.46 -16.97
CA THR A 218 -5.87 -16.25 -17.61
C THR A 218 -6.80 -15.90 -18.78
N LYS A 219 -7.08 -16.89 -19.63
CA LYS A 219 -7.97 -16.77 -20.79
C LYS A 219 -9.37 -16.24 -20.41
N GLU A 220 -9.96 -16.62 -19.27
CA GLU A 220 -11.27 -16.02 -19.01
C GLU A 220 -11.22 -14.53 -18.59
N LEU A 221 -10.17 -14.18 -17.82
CA LEU A 221 -9.94 -12.85 -17.26
C LEU A 221 -9.73 -11.87 -18.42
N GLY A 222 -8.99 -12.30 -19.46
CA GLY A 222 -8.82 -11.72 -20.77
C GLY A 222 -10.14 -11.42 -21.46
N THR A 223 -11.02 -12.44 -21.53
CA THR A 223 -12.31 -12.32 -22.19
C THR A 223 -13.15 -11.23 -21.55
N VAL A 224 -13.24 -11.29 -20.22
CA VAL A 224 -14.09 -10.36 -19.49
C VAL A 224 -13.56 -8.93 -19.65
N MET A 225 -12.24 -8.79 -19.54
CA MET A 225 -11.50 -7.56 -19.57
C MET A 225 -11.64 -6.95 -20.97
N ARG A 226 -11.61 -7.75 -22.04
CA ARG A 226 -11.98 -7.31 -23.39
C ARG A 226 -13.39 -6.74 -23.51
N SER A 227 -14.41 -7.30 -22.84
CA SER A 227 -15.78 -6.82 -22.99
C SER A 227 -15.90 -5.46 -22.34
N LEU A 228 -14.94 -5.19 -21.43
CA LEU A 228 -14.87 -3.94 -20.70
C LEU A 228 -14.03 -2.93 -21.50
N ASP A 229 -13.62 -3.30 -22.74
CA ASP A 229 -12.85 -2.42 -23.62
C ASP A 229 -11.40 -2.24 -23.12
N LEU A 230 -10.84 -3.26 -22.49
CA LEU A 230 -9.49 -3.19 -21.95
C LEU A 230 -8.62 -4.02 -22.89
N ASN A 231 -7.30 -3.94 -22.74
CA ASN A 231 -6.44 -4.58 -23.73
C ASN A 231 -5.22 -5.18 -23.00
N PRO A 232 -5.40 -6.16 -22.08
CA PRO A 232 -4.25 -6.76 -21.38
C PRO A 232 -3.51 -7.71 -22.33
N SER A 233 -2.18 -7.77 -22.22
CA SER A 233 -1.38 -8.80 -22.88
C SER A 233 -1.48 -10.13 -22.11
N GLU A 234 -1.07 -11.23 -22.78
CA GLU A 234 -1.03 -12.58 -22.23
C GLU A 234 -0.22 -12.57 -20.94
N SER A 235 0.96 -11.95 -21.03
CA SER A 235 1.94 -11.82 -19.97
C SER A 235 1.41 -11.00 -18.80
N GLU A 236 0.58 -9.97 -19.05
CA GLU A 236 0.02 -9.17 -17.97
C GLU A 236 -1.02 -10.00 -17.21
N LEU A 237 -1.77 -10.85 -17.94
CA LEU A 237 -2.80 -11.72 -17.40
C LEU A 237 -2.16 -12.73 -16.45
N GLN A 238 -1.01 -13.27 -16.89
CA GLN A 238 -0.11 -14.15 -16.17
C GLN A 238 0.27 -13.48 -14.85
N ASP A 239 0.74 -12.22 -14.89
CA ASP A 239 1.18 -11.53 -13.69
C ASP A 239 0.06 -11.25 -12.70
N MET A 240 -1.12 -10.90 -13.23
CA MET A 240 -2.29 -10.61 -12.42
C MET A 240 -2.74 -11.85 -11.64
N ILE A 241 -2.79 -13.01 -12.27
CA ILE A 241 -3.26 -14.26 -11.69
C ILE A 241 -2.32 -14.76 -10.60
N ASN A 242 -1.02 -14.73 -10.90
CA ASN A 242 0.12 -15.10 -10.08
C ASN A 242 0.16 -14.45 -8.71
N GLU A 243 -0.02 -13.12 -8.68
CA GLU A 243 -0.23 -12.33 -7.48
C GLU A 243 -1.31 -12.89 -6.57
N VAL A 244 -2.40 -13.41 -7.13
CA VAL A 244 -3.59 -13.69 -6.34
C VAL A 244 -3.71 -15.22 -6.14
N ASP A 245 -2.82 -16.01 -6.76
CA ASP A 245 -2.99 -17.45 -6.81
C ASP A 245 -2.09 -18.10 -5.76
N ALA A 246 -2.56 -18.12 -4.50
CA ALA A 246 -1.77 -18.63 -3.38
C ALA A 246 -1.50 -20.14 -3.57
N GLY A 247 -2.52 -20.93 -4.00
CA GLY A 247 -2.54 -22.32 -4.46
C GLY A 247 -1.39 -22.77 -5.39
N GLY A 248 -0.92 -21.90 -6.29
CA GLY A 248 0.20 -22.15 -7.20
C GLY A 248 -0.13 -22.92 -8.50
N ASP A 249 -1.42 -23.23 -8.76
CA ASP A 249 -1.95 -24.03 -9.88
C ASP A 249 -2.21 -23.21 -11.15
N GLY A 250 -1.86 -21.90 -11.15
CA GLY A 250 -1.95 -20.96 -12.26
C GLY A 250 -3.36 -20.45 -12.57
N THR A 251 -4.29 -20.63 -11.60
CA THR A 251 -5.66 -20.12 -11.63
C THR A 251 -6.10 -19.59 -10.23
N ILE A 252 -7.31 -18.98 -10.25
CA ILE A 252 -7.95 -18.20 -9.20
C ILE A 252 -9.25 -18.91 -8.87
N ASP A 253 -9.32 -19.38 -7.62
CA ASP A 253 -10.53 -20.06 -7.15
C ASP A 253 -11.24 -19.04 -6.26
N PHE A 254 -12.49 -19.37 -5.89
CA PHE A 254 -13.30 -18.49 -5.06
C PHE A 254 -12.56 -17.99 -3.83
N PRO A 255 -11.96 -18.86 -2.98
CA PRO A 255 -11.28 -18.35 -1.80
C PRO A 255 -10.18 -17.34 -2.15
N GLU A 256 -9.36 -17.64 -3.16
CA GLU A 256 -8.29 -16.68 -3.50
C GLU A 256 -8.93 -15.34 -3.96
N PHE A 257 -10.05 -15.42 -4.68
CA PHE A 257 -10.79 -14.30 -5.22
C PHE A 257 -11.36 -13.42 -4.13
N LEU A 258 -12.03 -14.07 -3.17
CA LEU A 258 -12.57 -13.40 -2.01
C LEU A 258 -11.47 -12.74 -1.16
N THR A 259 -10.25 -13.33 -1.09
CA THR A 259 -9.11 -12.69 -0.45
C THR A 259 -8.72 -11.43 -1.20
N MET A 260 -8.60 -11.53 -2.54
CA MET A 260 -8.24 -10.37 -3.34
C MET A 260 -9.23 -9.21 -3.16
N MET A 261 -10.54 -9.52 -2.99
CA MET A 261 -11.63 -8.55 -2.88
C MET A 261 -11.75 -7.92 -1.50
N THR A 262 -11.02 -8.45 -0.52
CA THR A 262 -11.34 -8.21 0.87
C THR A 262 -10.14 -7.57 1.55
N ARG A 263 -8.96 -7.81 0.97
CA ARG A 263 -7.64 -7.27 1.33
C ARG A 263 -7.72 -5.76 1.49
N GLU A 264 -7.06 -5.23 2.52
CA GLU A 264 -6.99 -3.80 2.72
C GLU A 264 -5.74 -3.30 2.01
N MET A 265 -5.94 -2.43 1.02
CA MET A 265 -4.86 -1.82 0.24
C MET A 265 -4.29 -0.67 1.08
N LYS A 266 -2.95 -0.50 1.04
CA LYS A 266 -2.25 0.52 1.83
C LYS A 266 -2.73 1.94 1.45
N TYR A 267 -3.08 2.28 0.20
CA TYR A 267 -3.25 3.71 -0.08
C TYR A 267 -4.68 4.21 -0.20
N ARG A 268 -5.64 3.27 -0.31
CA ARG A 268 -7.07 3.54 -0.44
C ARG A 268 -7.83 2.79 0.64
N ASP A 269 -8.71 3.50 1.37
CA ASP A 269 -9.83 2.86 2.06
C ASP A 269 -10.93 2.50 1.05
N THR A 270 -11.98 1.79 1.51
CA THR A 270 -12.98 1.23 0.62
C THR A 270 -13.78 2.36 -0.05
N GLU A 271 -14.17 3.36 0.72
CA GLU A 271 -14.85 4.55 0.27
C GLU A 271 -14.09 5.29 -0.84
N GLU A 272 -12.76 5.41 -0.69
CA GLU A 272 -11.93 6.18 -1.61
C GLU A 272 -11.84 5.41 -2.93
N GLU A 273 -11.82 4.07 -2.82
CA GLU A 273 -11.75 3.15 -3.94
C GLU A 273 -13.00 3.33 -4.79
N ILE A 274 -14.16 3.38 -4.09
CA ILE A 274 -15.45 3.55 -4.75
C ILE A 274 -15.57 4.95 -5.35
N ARG A 275 -15.12 5.97 -4.63
CA ARG A 275 -15.12 7.32 -5.17
C ARG A 275 -14.31 7.43 -6.49
N GLU A 276 -13.09 6.87 -6.53
CA GLU A 276 -12.32 6.68 -7.77
C GLU A 276 -13.13 6.09 -8.94
N LEU A 277 -13.92 5.00 -8.76
CA LEU A 277 -14.65 4.26 -9.81
C LEU A 277 -15.73 5.14 -10.45
N CYS A 278 -16.20 6.21 -9.76
CA CYS A 278 -17.23 7.11 -10.27
C CYS A 278 -16.92 7.69 -11.65
N LYS A 279 -15.68 8.16 -11.84
CA LYS A 279 -15.17 8.77 -13.07
C LYS A 279 -15.42 7.85 -14.27
N VAL A 280 -15.13 6.55 -14.09
CA VAL A 280 -15.37 5.44 -15.01
C VAL A 280 -16.84 5.39 -15.45
N PHE A 281 -17.81 5.52 -14.52
CA PHE A 281 -19.21 5.32 -14.91
C PHE A 281 -19.69 6.58 -15.63
N ASP A 282 -19.12 7.72 -15.25
CA ASP A 282 -19.51 9.04 -15.76
C ASP A 282 -18.71 9.36 -17.04
N ARG A 283 -19.21 8.88 -18.19
CA ARG A 283 -18.53 8.90 -19.49
C ARG A 283 -18.20 10.34 -19.90
N ASP A 284 -19.03 11.33 -19.50
CA ASP A 284 -18.73 12.70 -19.96
C ASP A 284 -18.25 13.64 -18.86
N ASN A 285 -18.09 13.16 -17.61
CA ASN A 285 -17.33 13.88 -16.59
C ASN A 285 -18.09 15.14 -16.14
N ASP A 286 -19.43 15.15 -16.28
CA ASP A 286 -20.27 16.25 -15.80
C ASP A 286 -20.42 16.18 -14.27
N GLY A 287 -20.11 15.02 -13.64
CA GLY A 287 -20.39 14.76 -12.23
C GLY A 287 -21.72 14.04 -11.95
N PHE A 288 -22.43 13.62 -13.01
CA PHE A 288 -23.69 12.91 -12.88
C PHE A 288 -23.57 11.60 -13.66
N ILE A 289 -24.42 10.63 -13.32
CA ILE A 289 -24.46 9.34 -13.98
C ILE A 289 -25.91 9.14 -14.38
N VAL A 290 -26.19 9.03 -15.70
CA VAL A 290 -27.56 9.20 -16.24
C VAL A 290 -27.90 7.88 -16.92
N ALA A 291 -29.18 7.69 -17.27
CA ALA A 291 -29.71 6.49 -17.89
C ALA A 291 -28.75 5.90 -18.93
N ALA A 292 -28.24 6.82 -19.80
CA ALA A 292 -27.47 6.46 -20.99
C ALA A 292 -26.18 5.80 -20.51
N GLU A 293 -25.63 6.32 -19.39
CA GLU A 293 -24.41 5.85 -18.75
C GLU A 293 -24.63 4.53 -17.99
N LEU A 294 -25.77 4.36 -17.29
CA LEU A 294 -26.12 3.10 -16.62
C LEU A 294 -26.21 1.97 -17.65
N ARG A 295 -26.77 2.28 -18.82
CA ARG A 295 -26.93 1.34 -19.93
C ARG A 295 -25.60 0.90 -20.51
N HIS A 296 -24.63 1.83 -20.60
CA HIS A 296 -23.31 1.57 -21.18
C HIS A 296 -22.60 0.60 -20.24
N ALA A 297 -22.70 0.93 -18.96
CA ALA A 297 -22.16 0.12 -17.90
C ALA A 297 -22.82 -1.26 -17.89
N MET A 298 -24.16 -1.33 -17.88
CA MET A 298 -24.86 -2.61 -17.89
C MET A 298 -24.54 -3.44 -19.14
N THR A 299 -24.39 -2.82 -20.31
CA THR A 299 -24.15 -3.69 -21.45
C THR A 299 -22.77 -4.35 -21.32
N SER A 300 -21.76 -3.74 -20.67
CA SER A 300 -20.44 -4.36 -20.69
C SER A 300 -20.28 -5.56 -19.75
N ILE A 301 -21.30 -5.78 -18.93
CA ILE A 301 -21.42 -6.90 -18.01
C ILE A 301 -22.52 -7.84 -18.53
N GLY A 302 -22.88 -7.68 -19.83
CA GLY A 302 -23.81 -8.50 -20.60
C GLY A 302 -25.30 -8.50 -20.14
N GLU A 303 -25.80 -7.35 -19.66
CA GLU A 303 -27.10 -7.15 -19.02
C GLU A 303 -27.92 -6.09 -19.76
N GLU A 304 -29.25 -6.20 -19.76
CA GLU A 304 -30.03 -5.52 -20.78
C GLU A 304 -30.65 -4.18 -20.36
N LEU A 305 -31.80 -4.24 -19.66
CA LEU A 305 -32.54 -3.10 -19.11
C LEU A 305 -33.57 -2.48 -20.06
N THR A 306 -34.86 -2.66 -19.71
CA THR A 306 -35.99 -1.85 -20.18
C THR A 306 -35.89 -0.44 -19.56
N ASP A 307 -36.72 0.49 -20.06
CA ASP A 307 -36.79 1.86 -19.54
C ASP A 307 -37.25 1.91 -18.07
N ASP A 308 -38.16 1.00 -17.67
CA ASP A 308 -38.66 0.90 -16.29
C ASP A 308 -37.54 0.44 -15.35
N GLU A 309 -36.82 -0.61 -15.78
CA GLU A 309 -35.69 -1.15 -15.06
C GLU A 309 -34.65 -0.05 -14.79
N VAL A 310 -34.30 0.75 -15.83
CA VAL A 310 -33.40 1.90 -15.71
C VAL A 310 -33.93 2.93 -14.71
N ASP A 311 -35.20 3.33 -14.79
CA ASP A 311 -35.77 4.35 -13.90
C ASP A 311 -35.67 3.92 -12.43
N GLU A 312 -35.82 2.61 -12.21
CA GLU A 312 -35.90 2.01 -10.88
C GLU A 312 -34.52 2.15 -10.23
N MET A 313 -33.51 1.75 -11.03
CA MET A 313 -32.09 1.91 -10.78
C MET A 313 -31.73 3.34 -10.38
N ILE A 314 -32.33 4.36 -11.05
CA ILE A 314 -32.10 5.75 -10.71
C ILE A 314 -32.72 6.06 -9.34
N ARG A 315 -34.02 5.74 -9.13
CA ARG A 315 -34.77 6.14 -7.94
C ARG A 315 -34.17 5.47 -6.70
N GLU A 316 -33.70 4.23 -6.91
CA GLU A 316 -32.86 3.44 -6.01
C GLU A 316 -31.63 4.22 -5.54
N ALA A 317 -30.83 4.80 -6.47
CA ALA A 317 -29.66 5.55 -6.04
C ALA A 317 -29.98 7.00 -5.68
N ASP A 318 -31.13 7.53 -6.16
CA ASP A 318 -31.45 8.96 -6.06
C ASP A 318 -32.09 9.33 -4.72
N GLN A 319 -31.34 10.13 -3.95
CA GLN A 319 -31.48 10.41 -2.52
C GLN A 319 -31.45 11.92 -2.33
N ASP A 320 -32.34 12.60 -3.09
CA ASP A 320 -32.59 14.04 -3.14
C ASP A 320 -33.54 14.37 -4.30
N GLY A 321 -34.09 13.32 -4.95
CA GLY A 321 -35.28 13.38 -5.81
C GLY A 321 -35.14 14.13 -7.14
N ASP A 322 -33.94 14.70 -7.42
CA ASP A 322 -33.60 15.58 -8.55
C ASP A 322 -33.75 14.87 -9.91
N GLY A 323 -33.58 13.54 -9.98
CA GLY A 323 -33.61 12.76 -11.22
C GLY A 323 -32.21 12.26 -11.64
N ARG A 324 -31.15 12.76 -10.97
CA ARG A 324 -29.75 12.48 -11.27
C ARG A 324 -29.09 11.69 -10.13
N ILE A 325 -28.04 10.88 -10.47
CA ILE A 325 -27.15 10.21 -9.55
C ILE A 325 -25.83 10.95 -9.51
N ASP A 326 -25.50 11.61 -8.39
CA ASP A 326 -24.17 12.22 -8.24
C ASP A 326 -23.19 11.24 -7.58
N TYR A 327 -21.95 11.69 -7.40
CA TYR A 327 -20.87 10.92 -6.81
C TYR A 327 -21.16 10.49 -5.36
N ASN A 328 -21.66 11.42 -4.54
CA ASN A 328 -22.07 11.12 -3.16
C ASN A 328 -23.14 10.03 -3.14
N GLU A 329 -24.15 10.13 -4.04
CA GLU A 329 -25.24 9.17 -4.08
C GLU A 329 -24.74 7.81 -4.56
N PHE A 330 -23.75 7.83 -5.45
CA PHE A 330 -23.19 6.66 -6.09
C PHE A 330 -22.35 5.90 -5.08
N VAL A 331 -21.60 6.65 -4.23
CA VAL A 331 -20.83 6.08 -3.13
C VAL A 331 -21.78 5.44 -2.10
N GLN A 332 -22.87 6.16 -1.77
CA GLN A 332 -23.85 5.71 -0.80
C GLN A 332 -24.52 4.41 -1.21
N LEU A 333 -24.92 4.28 -2.48
CA LEU A 333 -25.58 3.07 -2.95
C LEU A 333 -24.66 1.86 -2.81
N LYS A 334 -23.35 2.12 -2.86
CA LYS A 334 -22.43 1.01 -2.84
C LYS A 334 -22.06 0.63 -1.42
N MET A 335 -22.07 1.63 -0.55
CA MET A 335 -21.72 1.53 0.85
C MET A 335 -22.85 0.98 1.72
N GLN A 336 -24.12 0.85 1.25
CA GLN A 336 -25.34 0.77 2.06
C GLN A 336 -25.32 -0.14 3.31
N LYS A 337 -25.83 -1.39 3.23
CA LYS A 337 -26.04 -2.28 4.37
C LYS A 337 -26.55 -3.66 3.89
N SER A 345 -33.85 -2.67 -6.69
CA SER A 345 -33.88 -3.77 -5.68
C SER A 345 -33.42 -5.08 -6.32
N GLY A 346 -34.12 -5.52 -7.39
CA GLY A 346 -33.49 -6.26 -8.47
C GLY A 346 -32.34 -5.43 -9.07
N MET A 347 -32.57 -4.11 -9.14
CA MET A 347 -31.75 -3.17 -9.86
C MET A 347 -30.53 -2.76 -9.04
N ARG A 348 -30.75 -2.46 -7.75
CA ARG A 348 -29.68 -2.19 -6.78
C ARG A 348 -28.54 -3.19 -6.97
N ARG A 349 -28.85 -4.46 -6.74
CA ARG A 349 -28.01 -5.66 -6.84
C ARG A 349 -27.21 -5.68 -8.16
N LEU A 350 -27.85 -5.36 -9.29
CA LEU A 350 -27.25 -5.28 -10.63
C LEU A 350 -26.18 -4.19 -10.74
N LEU A 351 -26.45 -3.06 -10.10
CA LEU A 351 -25.58 -1.91 -10.18
C LEU A 351 -24.33 -2.20 -9.35
N LYS A 352 -24.57 -2.77 -8.17
CA LYS A 352 -23.51 -3.08 -7.24
C LYS A 352 -22.54 -4.05 -7.89
N LYS A 353 -23.10 -4.97 -8.70
CA LYS A 353 -22.30 -5.95 -9.41
C LYS A 353 -21.43 -5.27 -10.49
N ALA A 354 -21.97 -4.26 -11.19
CA ALA A 354 -21.23 -3.56 -12.24
C ALA A 354 -20.10 -2.77 -11.59
N ILE A 355 -20.41 -2.05 -10.51
CA ILE A 355 -19.41 -1.35 -9.72
C ILE A 355 -18.29 -2.32 -9.29
N ASP A 356 -18.64 -3.50 -8.76
CA ASP A 356 -17.70 -4.43 -8.17
C ASP A 356 -16.86 -5.13 -9.25
N THR A 357 -17.42 -5.22 -10.46
CA THR A 357 -16.67 -5.77 -11.58
C THR A 357 -15.46 -4.89 -11.91
N VAL A 358 -15.72 -3.57 -11.92
CA VAL A 358 -14.69 -2.57 -12.14
C VAL A 358 -13.71 -2.62 -10.96
N ARG A 359 -14.19 -2.70 -9.72
CA ARG A 359 -13.35 -2.78 -8.53
C ARG A 359 -12.41 -4.00 -8.58
N ALA A 360 -12.93 -5.09 -9.13
CA ALA A 360 -12.24 -6.36 -9.15
C ALA A 360 -11.06 -6.24 -10.09
N ILE A 361 -11.36 -5.96 -11.38
CA ILE A 361 -10.41 -5.55 -12.40
C ILE A 361 -9.84 -4.26 -11.82
N ASN A 362 -8.57 -4.10 -11.65
CA ASN A 362 -8.23 -2.84 -10.94
C ASN A 362 -7.58 -3.33 -9.67
N ARG A 363 -8.34 -3.96 -8.72
CA ARG A 363 -7.63 -4.73 -7.70
C ARG A 363 -6.68 -5.75 -8.36
N LEU A 364 -7.15 -6.40 -9.41
CA LEU A 364 -6.27 -7.31 -10.15
C LEU A 364 -5.12 -6.56 -10.81
N ARG A 365 -5.35 -5.33 -11.28
CA ARG A 365 -4.26 -4.61 -11.92
C ARG A 365 -3.23 -3.98 -10.97
N GLU A 366 -3.67 -3.34 -9.88
CA GLU A 366 -2.92 -2.82 -8.72
C GLU A 366 -2.28 -3.89 -7.83
N GLY A 367 -2.15 -5.15 -8.26
CA GLY A 367 -1.35 -6.12 -7.51
C GLY A 367 -0.05 -6.41 -8.27
N MET A 368 -0.12 -6.36 -9.62
CA MET A 368 0.91 -6.82 -10.53
C MET A 368 2.14 -5.88 -10.57
N TYR A 369 1.91 -4.57 -10.80
CA TYR A 369 2.88 -3.49 -10.63
C TYR A 369 2.92 -3.10 -9.13
N PHE A 370 3.45 -4.06 -8.33
CA PHE A 370 3.34 -4.28 -6.88
C PHE A 370 3.11 -2.96 -6.11
N ALA A 371 1.83 -2.49 -6.03
CA ALA A 371 1.46 -1.18 -5.48
C ALA A 371 0.67 -1.27 -4.16
N ASP A 372 0.99 -2.30 -3.35
CA ASP A 372 0.78 -2.41 -1.91
C ASP A 372 2.10 -2.26 -1.11
N TRP A 373 3.17 -1.83 -1.78
CA TRP A 373 4.47 -1.49 -1.30
C TRP A 373 4.58 0.03 -1.23
N CYS A 374 5.51 0.50 -0.40
CA CYS A 374 5.76 1.92 -0.32
C CYS A 374 6.95 2.16 -1.25
N VAL A 375 6.82 3.25 -2.02
CA VAL A 375 7.85 3.54 -3.02
C VAL A 375 8.58 4.82 -2.65
N SER A 376 9.88 4.68 -2.54
CA SER A 376 10.76 5.81 -2.24
C SER A 376 11.44 6.31 -3.54
N LYS A 377 11.53 7.65 -3.69
CA LYS A 377 12.41 8.21 -4.75
C LYS A 377 13.71 8.75 -4.16
N LYS A 378 14.82 8.22 -4.63
CA LYS A 378 16.12 8.70 -4.15
C LYS A 378 16.83 9.49 -5.26
N THR A 379 17.42 10.65 -4.92
CA THR A 379 18.30 11.38 -5.83
C THR A 379 19.59 11.73 -5.11
N CYS A 380 20.66 12.05 -5.89
CA CYS A 380 21.96 12.51 -5.39
C CYS A 380 22.20 13.99 -5.75
N PRO A 381 21.79 15.02 -4.97
CA PRO A 381 22.12 16.43 -5.31
C PRO A 381 23.60 16.84 -5.37
N ASP A 382 24.46 16.18 -4.61
CA ASP A 382 25.89 16.32 -4.74
C ASP A 382 26.50 14.96 -4.46
N ASP A 383 27.83 14.90 -4.37
CA ASP A 383 28.49 13.63 -4.44
C ASP A 383 28.54 12.99 -3.04
N LYS A 384 28.07 13.72 -2.04
CA LYS A 384 28.01 13.18 -0.67
C LYS A 384 26.59 13.18 -0.08
N THR A 385 25.55 13.33 -0.91
CA THR A 385 24.21 13.47 -0.34
C THR A 385 23.27 12.63 -1.17
N ILE A 386 22.37 11.87 -0.50
CA ILE A 386 21.22 11.29 -1.17
C ILE A 386 19.99 11.84 -0.48
N VAL A 387 18.99 12.21 -1.26
CA VAL A 387 17.73 12.64 -0.66
C VAL A 387 16.67 11.66 -1.16
N SER A 388 15.86 11.14 -0.25
CA SER A 388 14.84 10.13 -0.48
C SER A 388 13.56 10.74 0.03
N THR A 389 12.48 10.60 -0.77
CA THR A 389 11.14 10.98 -0.34
C THR A 389 10.16 9.85 -0.66
N LEU A 390 9.09 9.84 0.16
CA LEU A 390 8.04 8.83 0.10
C LEU A 390 6.76 9.46 0.66
N LYS A 391 5.63 8.91 0.23
CA LYS A 391 4.30 9.05 0.85
C LYS A 391 4.01 7.81 1.73
N TRP A 392 3.48 8.01 2.94
CA TRP A 392 3.33 6.90 3.88
C TRP A 392 1.86 6.80 4.32
N ALA A 393 1.39 5.57 4.51
CA ALA A 393 0.05 5.37 5.07
C ALA A 393 -0.01 4.21 6.09
N PHE A 394 -0.62 4.43 7.25
CA PHE A 394 -1.00 3.34 8.13
C PHE A 394 -2.51 3.06 8.03
N ILE A 395 -2.89 1.84 8.38
CA ILE A 395 -4.30 1.50 8.56
C ILE A 395 -4.72 1.81 10.00
N THR A 396 -5.90 2.44 10.17
CA THR A 396 -6.53 2.58 11.49
C THR A 396 -7.52 1.46 11.79
N ASP A 397 -7.89 1.31 13.08
CA ASP A 397 -8.90 0.40 13.65
C ASP A 397 -10.25 0.49 12.92
N ASN A 398 -10.76 1.72 12.82
CA ASN A 398 -11.97 2.20 12.13
C ASN A 398 -11.85 2.12 10.60
N GLY A 399 -10.82 1.49 10.00
CA GLY A 399 -10.82 1.26 8.55
C GLY A 399 -10.31 2.44 7.68
N LYS A 400 -9.82 3.53 8.28
CA LYS A 400 -9.32 4.70 7.58
C LYS A 400 -7.83 4.51 7.25
N ARG A 401 -7.29 5.46 6.49
CA ARG A 401 -5.86 5.64 6.30
C ARG A 401 -5.39 6.93 7.00
N TYR A 402 -4.24 6.81 7.72
CA TYR A 402 -3.54 7.91 8.38
C TYR A 402 -2.23 8.13 7.62
N ARG A 403 -2.02 9.37 7.14
CA ARG A 403 -1.08 9.58 6.04
C ARG A 403 -0.04 10.60 6.44
N SER A 404 1.09 10.51 5.76
CA SER A 404 2.17 11.45 6.03
C SER A 404 3.14 11.44 4.83
N THR A 405 4.11 12.37 4.84
CA THR A 405 5.19 12.33 3.84
C THR A 405 6.52 12.38 4.60
N ALA A 406 7.61 11.93 3.98
CA ALA A 406 8.87 11.94 4.68
C ALA A 406 9.92 12.50 3.74
N ARG A 407 10.95 13.03 4.37
CA ARG A 407 12.10 13.33 3.58
C ARG A 407 13.28 12.91 4.44
N THR A 408 14.14 12.13 3.82
CA THR A 408 15.30 11.63 4.51
C THR A 408 16.57 12.11 3.79
N THR A 409 17.55 12.63 4.55
CA THR A 409 18.84 13.01 3.97
C THR A 409 19.96 12.13 4.52
N TYR A 410 20.77 11.59 3.59
CA TYR A 410 21.92 10.78 3.82
C TYR A 410 23.14 11.61 3.46
N THR A 411 24.05 11.73 4.45
CA THR A 411 25.31 12.43 4.37
C THR A 411 26.46 11.42 4.43
N PHE A 412 27.17 11.25 3.32
CA PHE A 412 28.33 10.39 3.25
C PHE A 412 29.62 11.18 3.50
N ALA A 413 30.56 10.50 4.17
CA ALA A 413 31.88 11.06 4.45
C ALA A 413 32.73 11.11 3.18
N LYS A 414 32.62 10.09 2.29
CA LYS A 414 33.42 9.86 1.12
C LYS A 414 32.56 10.06 -0.13
N PRO A 415 33.08 10.76 -1.18
CA PRO A 415 32.33 10.99 -2.43
C PRO A 415 31.88 9.65 -3.01
N MET A 416 30.61 9.58 -3.43
CA MET A 416 30.00 8.38 -3.97
C MET A 416 30.57 8.14 -5.36
N ALA A 417 30.75 6.86 -5.70
CA ALA A 417 31.30 6.46 -6.98
C ALA A 417 30.41 6.97 -8.14
N ALA A 418 31.01 7.17 -9.33
CA ALA A 418 30.46 7.81 -10.54
C ALA A 418 29.12 7.24 -10.97
N ASN A 419 29.01 5.90 -10.96
CA ASN A 419 27.81 5.19 -11.42
C ASN A 419 26.57 5.66 -10.65
N TYR A 420 26.71 5.87 -9.33
CA TYR A 420 25.62 6.34 -8.51
C TYR A 420 25.18 7.75 -8.89
N LEU A 421 26.13 8.63 -9.22
CA LEU A 421 25.71 9.99 -9.56
C LEU A 421 25.08 10.04 -10.95
N LYS A 422 25.44 9.10 -11.84
CA LYS A 422 24.78 9.00 -13.15
C LYS A 422 23.37 8.38 -13.07
N ASN A 423 23.18 7.30 -12.28
CA ASN A 423 21.95 6.48 -12.32
C ASN A 423 20.99 6.99 -11.26
N GLN A 424 20.36 8.13 -11.59
CA GLN A 424 19.48 8.84 -10.67
C GLN A 424 18.27 9.24 -11.47
N PRO A 425 17.05 9.36 -10.91
CA PRO A 425 16.69 8.83 -9.57
C PRO A 425 16.76 7.30 -9.55
N MET A 426 16.86 6.70 -8.35
CA MET A 426 16.50 5.30 -8.09
C MET A 426 15.12 5.29 -7.40
N TYR A 427 14.34 4.19 -7.59
CA TYR A 427 13.08 3.94 -6.89
C TYR A 427 13.20 2.65 -6.08
N VAL A 428 12.87 2.72 -4.78
CA VAL A 428 13.00 1.55 -3.90
C VAL A 428 11.64 1.21 -3.29
N PHE A 429 11.22 -0.04 -3.49
CA PHE A 429 9.88 -0.44 -3.08
C PHE A 429 10.11 -1.30 -1.87
N ARG A 430 9.27 -1.03 -0.85
CA ARG A 430 9.42 -1.61 0.48
C ARG A 430 8.04 -1.99 1.04
N LYS A 431 8.08 -3.04 1.83
CA LYS A 431 6.95 -3.60 2.55
C LYS A 431 7.52 -3.87 3.92
N THR A 432 6.72 -3.53 4.93
CA THR A 432 7.08 -3.77 6.31
C THR A 432 5.98 -4.58 7.03
N GLU A 433 6.31 -5.27 8.14
CA GLU A 433 5.28 -5.83 9.01
C GLU A 433 5.73 -5.67 10.46
N LEU A 434 4.72 -5.44 11.30
CA LEU A 434 4.91 -5.23 12.71
C LEU A 434 3.90 -6.10 13.47
N ILE A 435 4.42 -6.77 14.51
CA ILE A 435 3.66 -7.41 15.57
C ILE A 435 4.29 -6.92 16.83
N HIS A 436 3.43 -6.56 17.77
CA HIS A 436 3.87 -5.83 18.93
C HIS A 436 2.98 -6.21 20.12
N SER A 437 3.55 -6.07 21.33
CA SER A 437 2.82 -6.03 22.60
C SER A 437 2.98 -4.62 23.16
N LYS A 438 2.98 -4.47 24.50
CA LYS A 438 3.16 -3.19 25.16
C LYS A 438 4.64 -2.88 25.28
N THR A 439 5.45 -3.95 25.25
CA THR A 439 6.83 -3.81 25.65
C THR A 439 7.79 -4.26 24.56
N GLU A 440 7.28 -4.93 23.50
CA GLU A 440 8.07 -5.76 22.58
C GLU A 440 7.49 -5.75 21.15
N LEU A 441 8.38 -5.69 20.13
CA LEU A 441 8.01 -5.58 18.71
C LEU A 441 8.82 -6.62 17.97
N ASN A 442 8.21 -7.12 16.90
CA ASN A 442 8.90 -7.94 15.89
C ASN A 442 8.53 -7.33 14.55
N PHE A 443 9.59 -7.03 13.81
CA PHE A 443 9.47 -6.19 12.63
C PHE A 443 10.11 -6.94 11.47
N LYS A 444 9.57 -6.74 10.28
CA LYS A 444 10.19 -7.32 9.09
C LYS A 444 10.11 -6.31 7.94
N GLU A 445 11.13 -6.30 7.09
CA GLU A 445 11.09 -5.38 5.99
C GLU A 445 11.56 -6.12 4.74
N TRP A 446 10.87 -5.84 3.65
CA TRP A 446 11.38 -6.23 2.35
C TRP A 446 11.62 -4.98 1.49
N GLN A 447 12.66 -5.11 0.62
CA GLN A 447 13.17 -4.01 -0.23
C GLN A 447 13.58 -4.50 -1.61
N LYS A 448 13.28 -3.70 -2.64
CA LYS A 448 13.82 -3.89 -3.99
C LYS A 448 14.05 -2.54 -4.66
N ALA A 449 15.29 -2.34 -5.13
CA ALA A 449 15.63 -1.14 -5.90
C ALA A 449 15.43 -1.35 -7.41
N PHE A 450 14.83 -0.36 -8.11
CA PHE A 450 14.73 -0.24 -9.58
C PHE A 450 15.31 1.06 -10.14
N THR A 451 15.99 1.02 -11.34
CA THR A 451 16.47 2.24 -12.02
C THR A 451 15.29 3.05 -12.54
N ASP A 452 15.55 4.29 -12.94
CA ASP A 452 14.62 5.14 -13.69
C ASP A 452 14.21 4.46 -15.01
N GLY A 453 12.97 4.70 -15.40
CA GLY A 453 12.42 4.46 -16.73
C GLY A 453 11.24 5.40 -16.93
N MET A 454 10.73 5.51 -18.16
CA MET A 454 9.57 6.38 -18.42
C MET A 454 8.40 5.87 -17.58
N GLY A 455 7.68 6.83 -16.97
CA GLY A 455 6.57 6.51 -16.07
C GLY A 455 6.86 5.68 -14.79
N MET A 456 8.13 5.53 -14.36
CA MET A 456 8.48 5.20 -12.98
C MET A 456 7.97 6.29 -12.02
N ASP A 457 8.10 7.57 -12.43
CA ASP A 457 7.97 8.79 -11.65
C ASP A 457 6.51 9.13 -11.47
N GLU A 458 5.70 8.06 -11.51
CA GLU A 458 4.28 8.08 -11.83
C GLU A 458 3.64 6.91 -11.09
N LEU A 459 4.32 5.74 -11.09
CA LEU A 459 4.13 4.72 -10.07
C LEU A 459 4.42 5.30 -8.68
N TYR A 460 5.30 6.33 -8.61
CA TYR A 460 5.88 6.84 -7.36
C TYR A 460 4.91 7.82 -6.66
N LYS A 461 4.37 8.75 -7.46
CA LYS A 461 3.24 9.64 -7.17
C LYS A 461 2.00 8.77 -6.94
CA CA B . -22.47 12.00 -16.89
CA CA C . -29.56 13.30 -7.05
CA CA D . -13.20 -21.47 -15.55
CA CA E . -5.43 -21.35 -7.28
#